data_9R2K
#
_entry.id   9R2K
#
_cell.length_a   75.600
_cell.length_b   39.810
_cell.length_c   54.630
_cell.angle_alpha   90.000
_cell.angle_beta   99.350
_cell.angle_gamma   90.000
#
_symmetry.space_group_name_H-M   'C 1 2 1'
#
loop_
_entity.id
_entity.type
_entity.pdbx_description
1 polymer N30
2 water water
#
_entity_poly.entity_id   1
_entity_poly.type   'polypeptide(L)'
_entity_poly.pdbx_seq_one_letter_code
;SLIISERKEEGETVTWDLSLSEDSNENEKKAWKRYFERYGLTDEEISKIESIRVEGTEEEVEKMYYYYKLELEIREKLNS
EETEEKLEEIWRLSSKGTEENLKEAKEIIKELLKEIGYKEDVEKKAEEYLEGLQKYLDYLSKKFGITREQLGKRETRSKL
YRESLENPEKYPLFKLKGGSGGSHHHHHH
;
_entity_poly.pdbx_strand_id   A
#
# COMPACT_ATOMS: atom_id res chain seq x y z
N SER A 1 -6.04 -12.78 -6.68
CA SER A 1 -4.95 -11.83 -7.02
C SER A 1 -5.41 -10.40 -6.83
N LEU A 2 -4.52 -9.44 -7.03
CA LEU A 2 -4.87 -8.03 -6.91
C LEU A 2 -5.34 -7.51 -8.26
N ILE A 3 -6.55 -6.97 -8.30
CA ILE A 3 -7.11 -6.47 -9.55
C ILE A 3 -7.44 -5.00 -9.43
N ILE A 4 -7.62 -4.36 -10.58
CA ILE A 4 -8.23 -3.05 -10.68
C ILE A 4 -9.72 -3.27 -10.88
N SER A 5 -10.52 -2.91 -9.88
CA SER A 5 -11.95 -3.15 -9.94
C SER A 5 -12.74 -1.94 -10.43
N GLU A 6 -12.12 -0.79 -10.57
CA GLU A 6 -12.87 0.35 -11.09
C GLU A 6 -11.91 1.45 -11.52
N ARG A 7 -12.28 2.16 -12.58
CA ARG A 7 -11.51 3.31 -13.05
C ARG A 7 -12.43 4.49 -13.27
N LYS A 8 -12.04 5.65 -12.73
CA LYS A 8 -12.72 6.92 -12.98
C LYS A 8 -11.72 7.85 -13.63
N GLU A 9 -12.06 8.37 -14.80
CA GLU A 9 -11.19 9.28 -15.55
C GLU A 9 -11.90 10.63 -15.54
N GLU A 10 -11.46 11.52 -14.64
CA GLU A 10 -12.11 12.80 -14.44
C GLU A 10 -11.08 13.93 -14.55
N GLY A 11 -11.01 14.55 -15.71
CA GLY A 11 -10.17 15.73 -15.85
C GLY A 11 -8.73 15.31 -15.86
N GLU A 12 -7.94 15.99 -15.03
CA GLU A 12 -6.49 15.85 -15.05
C GLU A 12 -6.00 14.68 -14.22
N THR A 13 -6.89 13.95 -13.57
CA THR A 13 -6.50 12.85 -12.71
C THR A 13 -7.30 11.60 -13.06
N VAL A 14 -6.78 10.46 -12.62
CA VAL A 14 -7.46 9.16 -12.75
C VAL A 14 -7.49 8.53 -11.36
N THR A 15 -8.58 7.82 -11.06
CA THR A 15 -8.69 7.10 -9.80
C THR A 15 -8.93 5.62 -10.10
N TRP A 16 -8.06 4.75 -9.59
CA TRP A 16 -8.22 3.32 -9.71
C TRP A 16 -8.67 2.75 -8.37
N ASP A 17 -9.71 1.93 -8.39
CA ASP A 17 -10.07 1.10 -7.25
C ASP A 17 -9.28 -0.20 -7.30
N LEU A 18 -8.50 -0.48 -6.27
CA LEU A 18 -7.71 -1.71 -6.20
C LEU A 18 -8.34 -2.66 -5.19
N SER A 19 -8.47 -3.94 -5.55
CA SER A 19 -9.02 -4.91 -4.61
C SER A 19 -8.56 -6.32 -4.96
N LEU A 20 -9.02 -7.29 -4.19
CA LEU A 20 -8.73 -8.69 -4.47
C LEU A 20 -9.76 -9.23 -5.45
N SER A 21 -9.33 -10.16 -6.29
CA SER A 21 -10.27 -10.83 -7.19
C SER A 21 -11.08 -11.89 -6.43
N GLU A 22 -12.18 -12.31 -7.04
CA GLU A 22 -13.04 -13.32 -6.41
C GLU A 22 -12.30 -14.64 -6.20
N ASP A 23 -11.41 -15.02 -7.12
CA ASP A 23 -10.64 -16.26 -7.00
C ASP A 23 -9.35 -16.09 -6.21
N SER A 24 -9.32 -15.17 -5.24
CA SER A 24 -8.14 -15.02 -4.40
C SER A 24 -8.06 -16.19 -3.41
N ASN A 25 -6.88 -16.79 -3.29
CA ASN A 25 -6.71 -17.90 -2.35
C ASN A 25 -6.77 -17.36 -0.92
N GLU A 26 -6.84 -18.29 0.04
CA GLU A 26 -7.05 -17.88 1.42
C GLU A 26 -5.85 -17.11 1.96
N ASN A 27 -4.64 -17.39 1.47
CA ASN A 27 -3.49 -16.68 2.00
C ASN A 27 -3.46 -15.23 1.53
N GLU A 28 -3.96 -14.95 0.32
CA GLU A 28 -4.07 -13.57 -0.13
C GLU A 28 -5.10 -12.82 0.70
N LYS A 29 -6.27 -13.42 0.94
CA LYS A 29 -7.30 -12.75 1.74
C LYS A 29 -6.82 -12.47 3.15
N LYS A 30 -6.13 -13.43 3.77
CA LYS A 30 -5.58 -13.21 5.11
C LYS A 30 -4.57 -12.06 5.09
N ALA A 31 -3.74 -11.99 4.05
CA ALA A 31 -2.78 -10.89 3.93
C ALA A 31 -3.49 -9.55 3.80
N TRP A 32 -4.45 -9.45 2.89
CA TRP A 32 -5.30 -8.27 2.80
C TRP A 32 -5.78 -7.85 4.18
N LYS A 33 -6.32 -8.78 4.97
CA LYS A 33 -6.83 -8.42 6.29
C LYS A 33 -5.74 -7.85 7.18
N ARG A 34 -4.53 -8.42 7.14
CA ARG A 34 -3.49 -8.01 8.07
C ARG A 34 -2.88 -6.66 7.70
N TYR A 35 -2.94 -6.26 6.43
CA TYR A 35 -2.53 -4.91 6.05
C TYR A 35 -3.25 -3.89 6.94
N PHE A 36 -4.50 -4.18 7.32
CA PHE A 36 -5.35 -3.25 8.06
C PHE A 36 -5.48 -3.59 9.54
N GLU A 37 -5.47 -4.89 9.89
CA GLU A 37 -5.64 -5.26 11.29
C GLU A 37 -4.56 -4.63 12.16
N ARG A 38 -3.34 -4.54 11.66
CA ARG A 38 -2.22 -3.99 12.38
C ARG A 38 -2.35 -2.50 12.67
N TYR A 39 -3.43 -1.84 12.23
CA TYR A 39 -3.51 -0.38 12.33
C TYR A 39 -4.82 0.11 12.92
N GLY A 40 -5.41 -0.65 13.82
CA GLY A 40 -6.48 -0.14 14.66
C GLY A 40 -7.88 -0.50 14.22
N LEU A 41 -8.04 -1.15 13.08
CA LEU A 41 -9.36 -1.52 12.61
C LEU A 41 -9.76 -2.88 13.15
N THR A 42 -11.04 -3.01 13.48
CA THR A 42 -11.57 -4.30 13.86
C THR A 42 -11.77 -5.16 12.62
N ASP A 43 -12.02 -6.44 12.85
CA ASP A 43 -12.36 -7.34 11.75
C ASP A 43 -13.63 -6.89 11.03
N GLU A 44 -14.66 -6.48 11.78
CA GLU A 44 -15.89 -6.08 11.12
C GLU A 44 -15.69 -4.82 10.27
N GLU A 45 -14.88 -3.88 10.74
CA GLU A 45 -14.58 -2.70 9.93
C GLU A 45 -13.85 -3.09 8.66
N ILE A 46 -12.84 -3.96 8.79
CA ILE A 46 -12.07 -4.37 7.62
C ILE A 46 -12.95 -5.11 6.64
N SER A 47 -13.86 -5.94 7.13
CA SER A 47 -14.75 -6.67 6.23
C SER A 47 -15.65 -5.75 5.42
N LYS A 48 -15.67 -4.46 5.73
CA LYS A 48 -16.48 -3.49 5.00
C LYS A 48 -15.74 -2.86 3.83
N ILE A 49 -14.43 -3.09 3.70
CA ILE A 49 -13.61 -2.41 2.70
C ILE A 49 -13.63 -3.23 1.43
N GLU A 50 -14.25 -2.71 0.38
CA GLU A 50 -14.23 -3.42 -0.90
C GLU A 50 -12.94 -3.14 -1.65
N SER A 51 -12.45 -1.91 -1.62
CA SER A 51 -11.21 -1.61 -2.33
C SER A 51 -10.54 -0.37 -1.78
N ILE A 52 -9.27 -0.19 -2.16
CA ILE A 52 -8.49 1.00 -1.87
C ILE A 52 -8.42 1.82 -3.14
N ARG A 53 -8.67 3.12 -3.02
CA ARG A 53 -8.68 4.04 -4.14
C ARG A 53 -7.38 4.82 -4.15
N VAL A 54 -6.73 4.87 -5.31
CA VAL A 54 -5.50 5.61 -5.53
C VAL A 54 -5.76 6.58 -6.67
N GLU A 55 -5.12 7.74 -6.61
CA GLU A 55 -5.41 8.80 -7.55
C GLU A 55 -4.14 9.51 -7.98
N GLY A 56 -4.12 9.93 -9.25
CA GLY A 56 -2.97 10.61 -9.83
C GLY A 56 -3.02 10.47 -11.34
N THR A 57 -1.91 10.80 -11.98
CA THR A 57 -1.82 10.53 -13.40
C THR A 57 -1.85 9.03 -13.65
N GLU A 58 -2.12 8.65 -14.91
CA GLU A 58 -2.12 7.23 -15.30
C GLU A 58 -0.78 6.58 -14.98
N GLU A 59 0.33 7.29 -15.21
CA GLU A 59 1.64 6.74 -14.87
C GLU A 59 1.79 6.57 -13.36
N GLU A 60 1.26 7.52 -12.57
CA GLU A 60 1.44 7.47 -11.12
C GLU A 60 0.65 6.32 -10.50
N VAL A 61 -0.61 6.15 -10.91
CA VAL A 61 -1.41 5.09 -10.32
C VAL A 61 -0.96 3.71 -10.78
N GLU A 62 -0.46 3.59 -12.01
CA GLU A 62 0.09 2.32 -12.42
C GLU A 62 1.28 1.94 -11.55
N LYS A 63 2.11 2.92 -11.20
CA LYS A 63 3.22 2.66 -10.28
C LYS A 63 2.72 2.20 -8.91
N MET A 64 1.66 2.83 -8.41
CA MET A 64 1.07 2.41 -7.14
C MET A 64 0.53 1.00 -7.22
N TYR A 65 -0.09 0.64 -8.36
CA TYR A 65 -0.64 -0.70 -8.54
C TYR A 65 0.44 -1.77 -8.40
N TYR A 66 1.59 -1.55 -9.02
CA TYR A 66 2.65 -2.54 -8.98
C TYR A 66 3.33 -2.59 -7.62
N TYR A 67 3.33 -1.48 -6.86
CA TYR A 67 3.76 -1.55 -5.47
C TYR A 67 2.81 -2.41 -4.65
N TYR A 68 1.50 -2.19 -4.80
CA TYR A 68 0.52 -2.98 -4.06
C TYR A 68 0.54 -4.44 -4.46
N LYS A 69 0.78 -4.75 -5.72
CA LYS A 69 0.88 -6.13 -6.13
C LYS A 69 2.01 -6.82 -5.39
N LEU A 70 3.18 -6.17 -5.29
CA LEU A 70 4.33 -6.78 -4.64
C LEU A 70 4.15 -6.80 -3.13
N GLU A 71 3.57 -5.74 -2.56
CA GLU A 71 3.28 -5.75 -1.13
C GLU A 71 2.45 -6.96 -0.76
N LEU A 72 1.39 -7.21 -1.53
CA LEU A 72 0.50 -8.32 -1.25
C LEU A 72 1.22 -9.65 -1.38
N GLU A 73 2.04 -9.80 -2.42
CA GLU A 73 2.74 -11.07 -2.59
C GLU A 73 3.71 -11.30 -1.45
N ILE A 74 4.41 -10.26 -1.00
CA ILE A 74 5.30 -10.40 0.16
C ILE A 74 4.50 -10.84 1.39
N ARG A 75 3.42 -10.12 1.70
CA ARG A 75 2.63 -10.45 2.87
C ARG A 75 2.09 -11.86 2.77
N GLU A 76 1.63 -12.26 1.58
CA GLU A 76 1.03 -13.58 1.43
C GLU A 76 2.06 -14.68 1.67
N LYS A 77 3.24 -14.58 1.08
CA LYS A 77 4.17 -15.69 1.08
C LYS A 77 5.14 -15.67 2.25
N LEU A 78 5.37 -14.51 2.86
CA LEU A 78 6.23 -14.39 4.03
C LEU A 78 5.41 -13.92 5.24
N ASN A 79 4.21 -14.48 5.41
CA ASN A 79 3.36 -14.04 6.50
C ASN A 79 4.08 -14.22 7.83
N SER A 80 4.32 -13.11 8.51
CA SER A 80 5.06 -13.18 9.77
C SER A 80 5.13 -11.79 10.37
N GLU A 81 5.26 -11.75 11.69
CA GLU A 81 5.38 -10.48 12.37
C GLU A 81 6.72 -9.83 12.05
N GLU A 82 7.76 -10.63 11.81
CA GLU A 82 9.05 -10.09 11.38
C GLU A 82 8.94 -9.42 10.02
N THR A 83 8.17 -10.01 9.10
CA THR A 83 7.95 -9.38 7.81
C THR A 83 7.18 -8.08 7.96
N GLU A 84 6.08 -8.09 8.72
CA GLU A 84 5.30 -6.87 8.92
C GLU A 84 6.18 -5.74 9.43
N GLU A 85 7.13 -6.05 10.31
CA GLU A 85 7.97 -5.05 10.93
C GLU A 85 8.96 -4.46 9.91
N LYS A 86 9.55 -5.31 9.07
CA LYS A 86 10.43 -4.81 8.01
C LYS A 86 9.66 -3.94 7.02
N LEU A 87 8.42 -4.33 6.72
CA LEU A 87 7.61 -3.53 5.81
C LEU A 87 7.26 -2.19 6.42
N GLU A 88 7.01 -2.15 7.73
CA GLU A 88 6.78 -0.90 8.41
C GLU A 88 8.01 0.00 8.37
N GLU A 89 9.20 -0.59 8.47
CA GLU A 89 10.43 0.21 8.45
C GLU A 89 10.70 0.76 7.05
N ILE A 90 10.34 0.01 6.00
CA ILE A 90 10.48 0.54 4.64
C ILE A 90 9.58 1.75 4.48
N TRP A 91 8.35 1.64 4.97
CA TRP A 91 7.40 2.75 4.94
C TRP A 91 7.90 3.94 5.74
N ARG A 92 8.39 3.70 6.97
CA ARG A 92 8.96 4.76 7.80
C ARG A 92 10.11 5.46 7.07
N LEU A 93 11.08 4.67 6.60
CA LEU A 93 12.21 5.24 5.86
C LEU A 93 11.75 6.00 4.63
N SER A 94 10.80 5.44 3.87
CA SER A 94 10.42 6.06 2.61
C SER A 94 9.65 7.35 2.82
N SER A 95 8.85 7.44 3.89
CA SER A 95 8.15 8.68 4.16
C SER A 95 9.12 9.80 4.56
N LYS A 96 10.25 9.46 5.18
CA LYS A 96 11.26 10.48 5.47
C LYS A 96 11.89 10.99 4.17
N GLY A 97 12.16 10.09 3.23
CA GLY A 97 12.39 10.47 1.86
C GLY A 97 13.81 10.84 1.48
N THR A 98 14.75 10.79 2.41
CA THR A 98 16.10 11.19 2.07
C THR A 98 16.78 10.09 1.26
N GLU A 99 17.86 10.46 0.58
CA GLU A 99 18.57 9.52 -0.27
C GLU A 99 19.07 8.33 0.51
N GLU A 100 19.72 8.57 1.67
CA GLU A 100 20.23 7.43 2.43
C GLU A 100 19.10 6.62 3.03
N ASN A 101 17.98 7.28 3.39
CA ASN A 101 16.83 6.54 3.89
C ASN A 101 16.30 5.58 2.82
N LEU A 102 16.24 6.04 1.57
CA LEU A 102 15.74 5.19 0.51
C LEU A 102 16.72 4.10 0.15
N LYS A 103 18.02 4.36 0.27
CA LYS A 103 19.00 3.30 0.04
C LYS A 103 18.83 2.21 1.08
N GLU A 104 18.65 2.60 2.34
CA GLU A 104 18.42 1.61 3.40
C GLU A 104 17.11 0.86 3.18
N ALA A 105 16.05 1.56 2.76
CA ALA A 105 14.81 0.86 2.44
C ALA A 105 15.00 -0.12 1.29
N LYS A 106 15.83 0.25 0.31
CA LYS A 106 16.06 -0.62 -0.83
C LYS A 106 16.70 -1.94 -0.40
N GLU A 107 17.63 -1.87 0.54
CA GLU A 107 18.28 -3.09 1.00
C GLU A 107 17.31 -4.00 1.73
N ILE A 108 16.37 -3.40 2.46
CA ILE A 108 15.38 -4.18 3.17
C ILE A 108 14.44 -4.86 2.18
N ILE A 109 13.91 -4.10 1.22
CA ILE A 109 12.98 -4.69 0.25
C ILE A 109 13.68 -5.75 -0.60
N LYS A 110 14.97 -5.59 -0.85
CA LYS A 110 15.67 -6.57 -1.66
C LYS A 110 15.77 -7.92 -0.95
N GLU A 111 15.97 -7.92 0.37
CA GLU A 111 16.06 -9.20 1.07
C GLU A 111 14.70 -9.89 1.10
N LEU A 112 13.62 -9.10 1.17
CA LEU A 112 12.28 -9.69 1.16
C LEU A 112 11.94 -10.25 -0.21
N LEU A 113 12.21 -9.50 -1.28
CA LEU A 113 11.95 -9.97 -2.62
C LEU A 113 12.75 -11.24 -2.93
N LYS A 114 14.02 -11.29 -2.50
CA LYS A 114 14.79 -12.51 -2.72
C LYS A 114 14.14 -13.70 -2.03
N GLU A 115 13.56 -13.49 -0.85
CA GLU A 115 12.96 -14.59 -0.08
C GLU A 115 11.71 -15.15 -0.74
N ILE A 116 11.10 -14.41 -1.66
CA ILE A 116 9.96 -14.93 -2.39
C ILE A 116 10.33 -15.31 -3.83
N GLY A 117 11.62 -15.25 -4.18
CA GLY A 117 12.11 -15.83 -5.41
C GLY A 117 12.56 -14.85 -6.46
N TYR A 118 12.35 -13.55 -6.26
CA TYR A 118 12.87 -12.55 -7.18
C TYR A 118 14.35 -12.35 -6.90
N LYS A 119 15.18 -13.15 -7.56
CA LYS A 119 16.63 -13.07 -7.37
C LYS A 119 17.31 -12.38 -8.56
N GLU A 120 17.20 -12.97 -9.75
CA GLU A 120 17.77 -12.35 -10.94
C GLU A 120 17.15 -11.00 -11.23
N ASP A 121 15.91 -10.80 -10.82
CA ASP A 121 15.19 -9.58 -11.11
C ASP A 121 15.06 -8.67 -9.89
N VAL A 122 15.86 -8.90 -8.85
CA VAL A 122 15.62 -8.19 -7.59
C VAL A 122 15.80 -6.69 -7.74
N GLU A 123 16.79 -6.26 -8.51
CA GLU A 123 17.06 -4.83 -8.59
C GLU A 123 15.88 -4.10 -9.20
N LYS A 124 15.40 -4.54 -10.36
CA LYS A 124 14.26 -3.87 -10.98
C LYS A 124 12.98 -4.00 -10.15
N LYS A 125 12.78 -5.15 -9.50
CA LYS A 125 11.59 -5.32 -8.66
C LYS A 125 11.66 -4.44 -7.42
N ALA A 126 12.86 -4.19 -6.89
CA ALA A 126 12.99 -3.26 -5.78
C ALA A 126 12.70 -1.84 -6.21
N GLU A 127 13.15 -1.44 -7.40
CA GLU A 127 12.87 -0.09 -7.87
C GLU A 127 11.37 0.10 -8.11
N GLU A 128 10.73 -0.90 -8.71
CA GLU A 128 9.28 -0.86 -8.91
C GLU A 128 8.53 -0.72 -7.58
N TYR A 129 8.92 -1.51 -6.59
CA TYR A 129 8.27 -1.43 -5.28
C TYR A 129 8.43 -0.03 -4.69
N LEU A 130 9.65 0.47 -4.67
CA LEU A 130 9.94 1.72 -3.98
C LEU A 130 9.40 2.94 -4.72
N GLU A 131 9.42 2.92 -6.05
CA GLU A 131 8.85 4.02 -6.82
C GLU A 131 7.35 4.10 -6.59
N GLY A 132 6.67 2.96 -6.56
CA GLY A 132 5.24 2.98 -6.39
C GLY A 132 4.86 3.35 -4.98
N LEU A 133 5.64 2.90 -4.00
CA LEU A 133 5.40 3.33 -2.62
C LEU A 133 5.55 4.84 -2.50
N GLN A 134 6.55 5.41 -3.18
CA GLN A 134 6.77 6.85 -3.12
C GLN A 134 5.62 7.61 -3.76
N LYS A 135 5.10 7.10 -4.89
CA LYS A 135 3.94 7.77 -5.48
C LYS A 135 2.71 7.63 -4.59
N TYR A 136 2.59 6.50 -3.90
CA TYR A 136 1.44 6.28 -3.03
C TYR A 136 1.51 7.20 -1.82
N LEU A 137 2.69 7.36 -1.22
CA LEU A 137 2.85 8.34 -0.15
C LEU A 137 2.59 9.76 -0.63
N ASP A 138 3.05 10.10 -1.83
CA ASP A 138 2.77 11.43 -2.37
C ASP A 138 1.28 11.65 -2.54
N TYR A 139 0.56 10.60 -2.95
CA TYR A 139 -0.88 10.68 -3.13
C TYR A 139 -1.60 10.83 -1.80
N LEU A 140 -1.21 10.07 -0.78
CA LEU A 140 -1.86 10.26 0.51
C LEU A 140 -1.56 11.64 1.08
N SER A 141 -0.34 12.15 0.89
CA SER A 141 -0.01 13.46 1.43
C SER A 141 -0.85 14.55 0.76
N LYS A 142 -0.93 14.52 -0.56
CA LYS A 142 -1.67 15.57 -1.26
C LYS A 142 -3.17 15.43 -1.06
N LYS A 143 -3.68 14.20 -1.12
CA LYS A 143 -5.12 14.02 -1.12
C LYS A 143 -5.74 14.39 0.22
N PHE A 144 -5.07 14.05 1.30
CA PHE A 144 -5.63 14.23 2.63
C PHE A 144 -4.86 15.27 3.46
N GLY A 145 -3.97 16.02 2.84
CA GLY A 145 -3.38 17.16 3.50
C GLY A 145 -2.54 16.81 4.70
N ILE A 146 -1.74 15.76 4.54
CA ILE A 146 -0.88 15.23 5.59
C ILE A 146 0.57 15.40 5.14
N THR A 147 1.40 15.96 6.02
CA THR A 147 2.83 15.99 5.77
C THR A 147 3.33 14.57 5.50
N ARG A 148 4.07 14.42 4.39
CA ARG A 148 4.53 13.09 3.99
C ARG A 148 5.28 12.41 5.13
N GLU A 149 6.19 13.11 5.78
CA GLU A 149 6.92 12.49 6.89
C GLU A 149 5.97 12.03 8.01
N GLN A 150 4.87 12.75 8.23
CA GLN A 150 3.93 12.32 9.26
C GLN A 150 3.29 10.99 8.93
N LEU A 151 3.23 10.63 7.64
CA LEU A 151 2.63 9.36 7.23
C LEU A 151 3.41 8.17 7.76
N GLY A 152 4.67 8.36 8.12
CA GLY A 152 5.46 7.28 8.66
C GLY A 152 5.19 6.97 10.11
N LYS A 153 4.26 7.66 10.74
CA LYS A 153 3.88 7.39 12.12
C LYS A 153 2.67 6.47 12.16
N ARG A 154 2.75 5.42 12.99
CA ARG A 154 1.64 4.49 13.11
C ARG A 154 0.34 5.20 13.43
N GLU A 155 0.39 6.25 14.25
CA GLU A 155 -0.84 6.92 14.67
C GLU A 155 -1.47 7.71 13.53
N THR A 156 -0.65 8.18 12.58
CA THR A 156 -1.20 8.87 11.42
C THR A 156 -1.96 7.91 10.52
N ARG A 157 -1.44 6.70 10.30
CA ARG A 157 -2.12 5.76 9.41
C ARG A 157 -3.39 5.24 10.05
N SER A 158 -3.38 4.97 11.35
CA SER A 158 -4.59 4.54 12.03
C SER A 158 -5.67 5.60 11.94
N LYS A 159 -5.29 6.85 12.24
CA LYS A 159 -6.24 7.96 12.15
C LYS A 159 -6.80 8.04 10.74
N LEU A 160 -5.94 7.99 9.73
CA LEU A 160 -6.41 8.12 8.37
C LEU A 160 -7.36 6.99 7.99
N TYR A 161 -6.97 5.75 8.26
CA TYR A 161 -7.85 4.62 7.93
C TYR A 161 -9.18 4.74 8.65
N ARG A 162 -9.13 5.06 9.94
CA ARG A 162 -10.37 5.15 10.72
C ARG A 162 -11.25 6.28 10.21
N GLU A 163 -10.68 7.42 9.85
CA GLU A 163 -11.48 8.49 9.30
C GLU A 163 -12.08 8.09 7.95
N SER A 164 -11.38 7.25 7.19
CA SER A 164 -11.90 6.85 5.89
C SER A 164 -13.05 5.86 6.05
N LEU A 165 -13.00 5.01 7.05
CA LEU A 165 -14.16 4.17 7.35
C LEU A 165 -15.35 5.01 7.75
N GLU A 166 -15.17 5.85 8.77
CA GLU A 166 -16.24 6.68 9.32
C GLU A 166 -16.81 7.58 8.25
N ASN A 167 -16.00 8.53 7.75
CA ASN A 167 -16.45 9.55 6.82
C ASN A 167 -15.91 9.32 5.41
N PRO A 168 -16.46 8.38 4.68
CA PRO A 168 -15.88 8.06 3.36
C PRO A 168 -16.24 9.05 2.26
N GLU A 169 -16.86 10.18 2.63
CA GLU A 169 -17.03 11.30 1.72
C GLU A 169 -15.90 12.32 1.85
N LYS A 170 -15.53 12.67 3.07
CA LYS A 170 -14.42 13.59 3.29
C LYS A 170 -13.07 12.89 3.18
N TYR A 171 -13.03 11.57 3.32
CA TYR A 171 -11.79 10.78 3.29
C TYR A 171 -12.00 9.61 2.35
N PRO A 172 -12.07 9.84 1.03
CA PRO A 172 -12.45 8.81 0.07
C PRO A 172 -11.31 7.84 -0.27
N LEU A 173 -10.69 7.27 0.76
CA LEU A 173 -9.60 6.32 0.52
C LEU A 173 -10.14 4.93 0.20
N PHE A 174 -11.30 4.57 0.70
CA PHE A 174 -11.85 3.24 0.46
C PHE A 174 -13.17 3.33 -0.31
N LYS A 175 -13.44 2.28 -1.08
CA LYS A 175 -14.78 1.94 -1.52
C LYS A 175 -15.33 0.98 -0.47
N LEU A 176 -16.47 1.31 0.12
CA LEU A 176 -17.07 0.48 1.15
C LEU A 176 -18.19 -0.33 0.53
N LYS A 177 -18.40 -1.53 1.07
CA LYS A 177 -19.40 -2.44 0.53
C LYS A 177 -20.80 -1.95 0.91
#